data_9CSI
#
_entry.id   9CSI
#
_cell.length_a   70.277
_cell.length_b   83.157
_cell.length_c   338.094
_cell.angle_alpha   90.00
_cell.angle_beta   90.00
_cell.angle_gamma   90.00
#
_symmetry.space_group_name_H-M   'I 2 2 2'
#
loop_
_entity.id
_entity.type
_entity.pdbx_description
1 polymer 'Lipid A export ATP-binding/permease protein MsbA'
2 non-polymer 'PHOSPHOAMINOPHOSPHONIC ACID-ADENYLATE ESTER'
3 non-polymer MONOVACCENIN
4 non-polymer 'MAGNESIUM ION'
5 non-polymer "3,3'-[(1,4-dioxobutane-1,4-diyl)bis(azanediyl)]bis[(4-butylbenzene-1-sulfonamido)benzoic acid]"
6 water water
#
_entity_poly.entity_id   1
_entity_poly.type   'polypeptide(L)'
_entity_poly.pdbx_seq_one_letter_code
;MGHHHHHHHHHHSSGHIDDDDKHMNQDFKVYLRLISYLKPYWGVALLVLIGFGMNSATEVSVAKLIKFIIDAIQNASRAD
LDWFPLLIILLVFFRGLGLFMGGYYTAVISRSLVFSIRQEVYAKLLRLPAQYYLDNSSGHITAKIMYNVEQLTAASSESL
KTIVRDGMITLGLLGYLFYTNWRLTICIMVFLPVIGILVRKASKRMRKLSMQVQDTMGDVNHVVQESINGNAVVKSFAGE
ESEQERFYKSSEENLKRGLKMVIVQNLNSPVVQVVMACAMALIVWLALRPQILGNTTAGEFVAYITAAGLLSKPVKNLTD
VNEKLQRGLAAAHSVFELLDLPEEQNSGELKPQLQGAIRFDHVVLNYADGTQAIKDFSLDIRPGETVALVGRSGAGKTSL
VNMLVRFQEVSSGQIYLDDLPIRDIELSSLRTQIAMVNQQVVLFNRTVRENIAYGQLHNASDEDVIAAAKAAYAHDFIMN
LPNGYDTVLGAQGLNLSGGQRQRIAIARAILKNAPILILDEATSALDNESEHFIQQAFDEAMQDRTTIVIAHRLSTIENA
DRIVVMDRGQIVEQGTHQELLAKHGAYYQLHQRNFEDQ
;
_entity_poly.pdbx_strand_id   A
#
loop_
_chem_comp.id
_chem_comp.type
_chem_comp.name
_chem_comp.formula
A1AZS non-polymer '3,3'-[(1,4-dioxobutane-1,4-diyl)bis(azanediyl)]bis[(4-butylbenzene-1-sulfonamido)benzoic acid]' 'C38 H42 N4 O10 S2'
ANP non-polymer 'PHOSPHOAMINOPHOSPHONIC ACID-ADENYLATE ESTER' 'C10 H17 N6 O12 P3'
MG non-polymer 'MAGNESIUM ION' 'Mg 2'
MVC non-polymer MONOVACCENIN 'C21 H40 O4'
#
# COMPACT_ATOMS: atom_id res chain seq x y z
N MET A 24 -6.00 -23.67 -4.32
CA MET A 24 -7.11 -23.05 -5.05
C MET A 24 -8.28 -22.62 -4.13
N ASN A 25 -8.38 -23.27 -2.94
CA ASN A 25 -9.39 -23.03 -1.89
C ASN A 25 -9.12 -21.72 -1.12
N GLN A 26 -7.87 -21.18 -1.23
CA GLN A 26 -7.35 -19.95 -0.61
C GLN A 26 -8.31 -18.75 -0.63
N ASP A 27 -9.30 -18.76 -1.56
CA ASP A 27 -10.32 -17.71 -1.69
C ASP A 27 -11.18 -17.62 -0.43
N PHE A 28 -11.55 -18.78 0.15
CA PHE A 28 -12.35 -18.88 1.38
C PHE A 28 -11.60 -18.21 2.55
N LYS A 29 -10.27 -18.42 2.62
CA LYS A 29 -9.37 -17.86 3.64
C LYS A 29 -9.35 -16.32 3.56
N VAL A 30 -9.31 -15.79 2.33
CA VAL A 30 -9.32 -14.36 2.03
C VAL A 30 -10.70 -13.76 2.38
N TYR A 31 -11.80 -14.47 1.99
CA TYR A 31 -13.20 -14.08 2.26
C TYR A 31 -13.47 -13.96 3.76
N LEU A 32 -13.04 -14.96 4.55
CA LEU A 32 -13.20 -15.00 6.00
C LEU A 32 -12.44 -13.83 6.65
N ARG A 33 -11.16 -13.60 6.20
CA ARG A 33 -10.30 -12.53 6.69
C ARG A 33 -11.01 -11.18 6.55
N LEU A 34 -11.61 -10.94 5.37
CA LEU A 34 -12.37 -9.74 5.01
C LEU A 34 -13.56 -9.53 5.95
N ILE A 35 -14.25 -10.62 6.32
CA ILE A 35 -15.40 -10.63 7.22
C ILE A 35 -15.00 -10.07 8.61
N SER A 36 -13.75 -10.35 9.09
CA SER A 36 -13.25 -9.85 10.38
C SER A 36 -13.23 -8.33 10.46
N TYR A 37 -13.24 -7.68 9.30
CA TYR A 37 -13.25 -6.24 9.16
C TYR A 37 -14.66 -5.67 9.31
N LEU A 38 -15.71 -6.44 8.87
CA LEU A 38 -17.10 -5.99 8.97
C LEU A 38 -17.78 -6.39 10.29
N LYS A 39 -17.01 -6.50 11.37
CA LYS A 39 -17.58 -6.77 12.68
C LYS A 39 -18.26 -5.46 13.18
N PRO A 40 -17.62 -4.26 13.14
CA PRO A 40 -18.34 -3.04 13.60
C PRO A 40 -19.43 -2.50 12.66
N TYR A 41 -19.80 -3.27 11.62
CA TYR A 41 -20.81 -2.88 10.64
C TYR A 41 -22.08 -3.74 10.65
N TRP A 42 -22.24 -4.61 11.68
CA TRP A 42 -23.42 -5.46 11.77
C TRP A 42 -24.75 -4.70 11.81
N GLY A 43 -24.72 -3.50 12.42
CA GLY A 43 -25.88 -2.62 12.52
C GLY A 43 -26.36 -2.17 11.16
N VAL A 44 -25.47 -1.55 10.39
CA VAL A 44 -25.76 -1.07 9.03
C VAL A 44 -25.91 -2.21 8.04
N ALA A 45 -25.36 -3.41 8.35
CA ALA A 45 -25.46 -4.61 7.51
C ALA A 45 -26.92 -5.07 7.38
N LEU A 46 -27.69 -5.03 8.50
CA LEU A 46 -29.10 -5.41 8.41
C LEU A 46 -29.92 -4.31 7.71
N LEU A 47 -29.45 -3.04 7.78
CA LEU A 47 -30.07 -1.89 7.11
C LEU A 47 -29.98 -2.01 5.57
N VAL A 48 -29.06 -2.87 5.06
CA VAL A 48 -28.89 -3.13 3.63
C VAL A 48 -29.79 -4.31 3.27
N LEU A 49 -29.99 -5.25 4.23
CA LEU A 49 -30.85 -6.42 4.02
C LEU A 49 -32.31 -5.98 4.03
N ILE A 50 -32.66 -5.06 4.95
CA ILE A 50 -33.99 -4.47 5.06
C ILE A 50 -34.26 -3.80 3.71
N GLY A 51 -33.36 -2.89 3.31
CA GLY A 51 -33.45 -2.14 2.06
C GLY A 51 -33.47 -2.98 0.78
N PHE A 52 -32.66 -4.04 0.71
CA PHE A 52 -32.61 -4.87 -0.51
C PHE A 52 -33.67 -5.98 -0.49
N GLY A 53 -34.24 -6.22 0.70
CA GLY A 53 -35.31 -7.17 0.94
C GLY A 53 -36.61 -6.58 0.45
N MET A 54 -36.81 -5.26 0.69
CA MET A 54 -38.00 -4.56 0.22
C MET A 54 -37.92 -4.29 -1.28
N ASN A 55 -36.70 -4.13 -1.84
CA ASN A 55 -36.56 -3.96 -3.30
C ASN A 55 -36.83 -5.33 -3.98
N SER A 56 -36.50 -6.43 -3.29
CA SER A 56 -36.74 -7.79 -3.77
C SER A 56 -38.27 -7.98 -3.76
N ALA A 57 -38.92 -7.50 -2.67
CA ALA A 57 -40.37 -7.53 -2.46
C ALA A 57 -41.09 -6.71 -3.52
N THR A 58 -40.45 -5.63 -4.01
CA THR A 58 -40.97 -4.74 -5.05
C THR A 58 -40.88 -5.41 -6.45
N GLU A 59 -39.86 -6.26 -6.68
CA GLU A 59 -39.71 -6.96 -7.97
C GLU A 59 -40.69 -8.13 -8.07
N VAL A 60 -40.94 -8.84 -6.94
CA VAL A 60 -41.89 -9.96 -6.93
C VAL A 60 -43.30 -9.39 -7.02
N SER A 61 -43.52 -8.18 -6.45
CA SER A 61 -44.79 -7.45 -6.48
C SER A 61 -45.12 -6.99 -7.91
N VAL A 62 -44.13 -6.97 -8.82
CA VAL A 62 -44.35 -6.60 -10.22
C VAL A 62 -45.18 -7.72 -10.88
N ALA A 63 -44.75 -8.99 -10.70
CA ALA A 63 -45.45 -10.17 -11.23
C ALA A 63 -46.88 -10.24 -10.67
N LYS A 64 -47.04 -9.96 -9.36
CA LYS A 64 -48.32 -9.93 -8.65
C LYS A 64 -49.24 -8.86 -9.27
N LEU A 65 -48.70 -7.66 -9.54
CA LEU A 65 -49.42 -6.54 -10.12
C LEU A 65 -49.89 -6.81 -11.55
N ILE A 66 -49.07 -7.52 -12.36
CA ILE A 66 -49.42 -7.86 -13.75
C ILE A 66 -50.57 -8.90 -13.73
N LYS A 67 -50.57 -9.81 -12.71
CA LYS A 67 -51.63 -10.81 -12.54
C LYS A 67 -52.90 -10.07 -12.12
N PHE A 68 -52.77 -9.10 -11.18
CA PHE A 68 -53.84 -8.27 -10.65
C PHE A 68 -54.47 -7.46 -11.78
N ILE A 69 -53.67 -6.68 -12.54
CA ILE A 69 -54.15 -5.86 -13.65
C ILE A 69 -54.89 -6.71 -14.72
N ILE A 70 -54.46 -7.97 -14.95
CA ILE A 70 -55.12 -8.85 -15.90
C ILE A 70 -56.42 -9.39 -15.26
N ASP A 71 -56.33 -9.91 -14.01
CA ASP A 71 -57.47 -10.45 -13.27
C ASP A 71 -58.58 -9.43 -13.09
N ALA A 72 -58.22 -8.16 -12.88
CA ALA A 72 -59.21 -7.09 -12.72
C ALA A 72 -59.82 -6.69 -14.07
N ILE A 73 -59.14 -6.99 -15.19
CA ILE A 73 -59.64 -6.67 -16.53
C ILE A 73 -60.52 -7.84 -17.03
N GLN A 74 -60.10 -9.09 -16.71
CA GLN A 74 -60.73 -10.36 -17.08
C GLN A 74 -62.01 -10.53 -16.28
N ASN A 75 -61.88 -10.81 -14.97
CA ASN A 75 -62.98 -11.01 -14.03
C ASN A 75 -63.69 -9.68 -13.70
N ALA A 76 -63.68 -8.73 -14.68
CA ALA A 76 -64.27 -7.38 -14.71
C ALA A 76 -64.46 -6.72 -13.34
N SER A 77 -63.40 -6.01 -12.89
CA SER A 77 -63.34 -5.30 -11.62
C SER A 77 -62.69 -3.92 -11.78
N ARG A 78 -63.44 -2.94 -12.33
CA ARG A 78 -62.96 -1.56 -12.54
C ARG A 78 -62.73 -0.89 -11.19
N ALA A 79 -63.52 -1.29 -10.17
CA ALA A 79 -63.42 -0.79 -8.80
C ALA A 79 -62.00 -1.04 -8.28
N ASP A 80 -61.44 -2.23 -8.58
CA ASP A 80 -60.09 -2.66 -8.21
C ASP A 80 -59.07 -1.86 -9.04
N LEU A 81 -59.32 -1.67 -10.35
CA LEU A 81 -58.46 -0.92 -11.27
C LEU A 81 -58.29 0.56 -10.89
N ASP A 82 -59.24 1.15 -10.14
CA ASP A 82 -59.15 2.55 -9.72
C ASP A 82 -57.95 2.78 -8.80
N TRP A 83 -57.51 1.70 -8.14
CA TRP A 83 -56.40 1.68 -7.19
C TRP A 83 -55.03 1.67 -7.86
N PHE A 84 -54.91 1.04 -9.05
CA PHE A 84 -53.67 0.94 -9.86
C PHE A 84 -52.86 2.27 -9.89
N PRO A 85 -53.44 3.48 -10.20
CA PRO A 85 -52.62 4.71 -10.16
C PRO A 85 -51.98 4.98 -8.80
N LEU A 86 -52.71 4.74 -7.70
CA LEU A 86 -52.15 4.94 -6.36
C LEU A 86 -51.05 3.91 -6.09
N LEU A 87 -51.23 2.65 -6.58
CA LEU A 87 -50.26 1.56 -6.42
C LEU A 87 -48.96 1.84 -7.12
N ILE A 88 -49.00 2.55 -8.29
CA ILE A 88 -47.80 2.92 -9.08
C ILE A 88 -46.91 3.81 -8.20
N ILE A 89 -47.42 5.00 -7.83
CA ILE A 89 -46.70 5.97 -6.99
C ILE A 89 -46.40 5.40 -5.56
N LEU A 90 -46.77 4.14 -5.29
CA LEU A 90 -46.51 3.50 -4.00
C LEU A 90 -45.44 2.44 -4.14
N LEU A 91 -45.54 1.56 -5.16
CA LEU A 91 -44.56 0.50 -5.43
C LEU A 91 -43.19 1.14 -5.67
N VAL A 92 -43.15 2.17 -6.55
CA VAL A 92 -41.96 2.95 -6.93
C VAL A 92 -41.39 3.72 -5.72
N PHE A 93 -42.25 4.39 -4.93
CA PHE A 93 -41.81 5.11 -3.74
C PHE A 93 -41.17 4.15 -2.74
N PHE A 94 -41.82 3.00 -2.46
CA PHE A 94 -41.29 2.02 -1.52
C PHE A 94 -40.05 1.31 -2.05
N ARG A 95 -39.86 1.29 -3.40
CA ARG A 95 -38.68 0.71 -4.03
C ARG A 95 -37.51 1.65 -3.73
N GLY A 96 -37.61 2.90 -4.18
CA GLY A 96 -36.61 3.93 -3.98
C GLY A 96 -36.11 4.04 -2.56
N LEU A 97 -37.05 4.09 -1.60
CA LEU A 97 -36.76 4.17 -0.16
C LEU A 97 -35.96 2.94 0.36
N GLY A 98 -36.09 1.80 -0.32
CA GLY A 98 -35.42 0.57 0.02
C GLY A 98 -34.12 0.43 -0.74
N LEU A 99 -34.17 0.79 -2.03
CA LEU A 99 -33.06 0.80 -2.98
C LEU A 99 -31.97 1.78 -2.50
N PHE A 100 -32.37 2.93 -1.90
CA PHE A 100 -31.45 3.92 -1.34
C PHE A 100 -30.85 3.36 -0.04
N MET A 101 -31.72 2.93 0.90
CA MET A 101 -31.33 2.34 2.19
C MET A 101 -30.30 1.20 1.96
N GLY A 102 -30.55 0.35 0.97
CA GLY A 102 -29.67 -0.76 0.62
C GLY A 102 -28.39 -0.31 -0.04
N GLY A 103 -28.51 0.52 -1.08
CA GLY A 103 -27.39 1.05 -1.85
C GLY A 103 -26.39 1.94 -1.14
N TYR A 104 -26.91 2.91 -0.36
CA TYR A 104 -26.09 3.87 0.40
C TYR A 104 -25.30 3.19 1.50
N TYR A 105 -25.94 2.39 2.35
CA TYR A 105 -25.28 1.69 3.44
C TYR A 105 -24.27 0.67 2.93
N THR A 106 -24.50 0.06 1.75
CA THR A 106 -23.55 -0.88 1.15
C THR A 106 -22.24 -0.13 0.91
N ALA A 107 -22.33 1.06 0.26
CA ALA A 107 -21.21 1.94 -0.04
C ALA A 107 -20.51 2.36 1.23
N VAL A 108 -21.28 2.78 2.27
CA VAL A 108 -20.75 3.16 3.58
C VAL A 108 -19.87 2.01 4.11
N ILE A 109 -20.45 0.80 4.32
CA ILE A 109 -19.72 -0.39 4.80
C ILE A 109 -18.45 -0.65 3.96
N SER A 110 -18.59 -0.77 2.62
CA SER A 110 -17.52 -1.02 1.67
C SER A 110 -16.38 -0.01 1.72
N ARG A 111 -16.66 1.25 1.32
CA ARG A 111 -15.71 2.37 1.29
C ARG A 111 -15.00 2.55 2.64
N SER A 112 -15.75 2.48 3.76
CA SER A 112 -15.19 2.60 5.12
C SER A 112 -14.22 1.45 5.44
N LEU A 113 -14.65 0.20 5.17
CA LEU A 113 -13.86 -1.00 5.43
C LEU A 113 -12.56 -0.94 4.67
N VAL A 114 -12.60 -0.42 3.44
CA VAL A 114 -11.43 -0.29 2.57
C VAL A 114 -10.52 0.85 3.10
N PHE A 115 -11.09 1.95 3.61
CA PHE A 115 -10.33 3.05 4.21
C PHE A 115 -9.45 2.49 5.36
N SER A 116 -10.03 1.60 6.18
CA SER A 116 -9.36 0.93 7.30
C SER A 116 -8.17 0.08 6.80
N ILE A 117 -8.35 -0.55 5.62
CA ILE A 117 -7.33 -1.38 4.97
C ILE A 117 -6.23 -0.48 4.42
N ARG A 118 -6.59 0.61 3.76
CA ARG A 118 -5.66 1.59 3.23
C ARG A 118 -4.75 2.07 4.38
N GLN A 119 -5.34 2.35 5.59
CA GLN A 119 -4.55 2.76 6.77
C GLN A 119 -3.59 1.69 7.24
N GLU A 120 -4.10 0.46 7.41
CA GLU A 120 -3.39 -0.74 7.85
C GLU A 120 -2.23 -1.09 6.95
N VAL A 121 -2.45 -1.00 5.61
CA VAL A 121 -1.47 -1.28 4.54
C VAL A 121 -0.35 -0.25 4.58
N TYR A 122 -0.73 1.01 4.82
CA TYR A 122 0.22 2.10 4.93
C TYR A 122 1.08 1.96 6.18
N ALA A 123 0.45 1.65 7.32
CA ALA A 123 1.15 1.42 8.57
C ALA A 123 2.16 0.29 8.41
N LYS A 124 1.75 -0.81 7.73
CA LYS A 124 2.59 -1.96 7.45
C LYS A 124 3.83 -1.52 6.71
N LEU A 125 3.64 -0.69 5.67
CA LEU A 125 4.70 -0.15 4.83
C LEU A 125 5.75 0.59 5.66
N LEU A 126 5.33 1.51 6.52
CA LEU A 126 6.26 2.23 7.37
C LEU A 126 7.05 1.29 8.27
N ARG A 127 6.51 0.08 8.55
CA ARG A 127 7.17 -0.94 9.40
C ARG A 127 8.11 -1.87 8.61
N LEU A 128 8.14 -1.78 7.25
CA LEU A 128 9.00 -2.62 6.41
C LEU A 128 10.47 -2.22 6.46
N PRO A 129 11.40 -3.22 6.49
CA PRO A 129 12.84 -2.89 6.60
C PRO A 129 13.42 -2.11 5.42
N ALA A 130 14.64 -1.58 5.62
CA ALA A 130 15.37 -0.81 4.61
C ALA A 130 15.65 -1.63 3.32
N GLN A 131 15.90 -2.96 3.45
CA GLN A 131 16.15 -3.82 2.30
C GLN A 131 14.90 -3.86 1.39
N TYR A 132 13.67 -3.85 1.97
CA TYR A 132 12.44 -3.86 1.18
C TYR A 132 12.42 -2.71 0.19
N TYR A 133 12.73 -1.52 0.70
CA TYR A 133 12.76 -0.27 -0.03
C TYR A 133 13.79 -0.25 -1.13
N LEU A 134 14.90 -0.99 -0.92
CA LEU A 134 16.05 -1.15 -1.80
C LEU A 134 15.75 -2.13 -2.96
N ASP A 135 15.19 -3.30 -2.62
CA ASP A 135 14.80 -4.39 -3.53
C ASP A 135 13.53 -4.07 -4.36
N ASN A 136 12.52 -3.46 -3.73
CA ASN A 136 11.25 -3.07 -4.37
C ASN A 136 11.23 -1.59 -4.74
N SER A 137 10.96 -1.28 -6.00
CA SER A 137 10.88 0.09 -6.51
C SER A 137 9.64 0.87 -5.97
N SER A 138 9.65 2.25 -6.06
CA SER A 138 8.53 3.13 -5.62
C SER A 138 7.26 2.79 -6.37
N GLY A 139 7.39 2.60 -7.68
CA GLY A 139 6.30 2.23 -8.58
C GLY A 139 5.58 0.97 -8.17
N HIS A 140 6.34 -0.12 -7.88
CA HIS A 140 5.73 -1.39 -7.48
C HIS A 140 5.03 -1.28 -6.14
N ILE A 141 5.68 -0.59 -5.19
CA ILE A 141 5.16 -0.35 -3.84
C ILE A 141 3.87 0.49 -3.92
N THR A 142 3.89 1.56 -4.72
CA THR A 142 2.76 2.47 -4.93
C THR A 142 1.55 1.69 -5.41
N ALA A 143 1.69 0.92 -6.49
CA ALA A 143 0.65 0.10 -7.08
C ALA A 143 -0.06 -0.77 -6.06
N LYS A 144 0.67 -1.25 -5.00
CA LYS A 144 0.08 -2.05 -3.93
C LYS A 144 -0.89 -1.20 -3.11
N ILE A 145 -0.43 -0.07 -2.51
CA ILE A 145 -1.30 0.80 -1.70
C ILE A 145 -2.30 1.61 -2.56
N MET A 146 -1.92 1.96 -3.77
CA MET A 146 -2.80 2.74 -4.62
C MET A 146 -3.70 1.85 -5.46
N TYR A 147 -3.27 1.45 -6.70
CA TYR A 147 -4.01 0.63 -7.66
C TYR A 147 -4.73 -0.56 -7.02
N ASN A 148 -4.04 -1.38 -6.23
CA ASN A 148 -4.63 -2.55 -5.59
C ASN A 148 -5.66 -2.21 -4.51
N VAL A 149 -5.43 -1.18 -3.68
CA VAL A 149 -6.42 -0.85 -2.67
C VAL A 149 -7.59 -0.09 -3.35
N GLU A 150 -7.32 0.60 -4.49
CA GLU A 150 -8.37 1.29 -5.24
C GLU A 150 -9.26 0.29 -5.97
N GLN A 151 -8.67 -0.83 -6.44
CA GLN A 151 -9.36 -1.93 -7.11
C GLN A 151 -10.20 -2.66 -6.09
N LEU A 152 -9.72 -2.77 -4.84
CA LEU A 152 -10.45 -3.39 -3.75
C LEU A 152 -11.72 -2.60 -3.51
N THR A 153 -11.64 -1.25 -3.45
CA THR A 153 -12.77 -0.32 -3.25
C THR A 153 -13.86 -0.59 -4.29
N ALA A 154 -13.56 -0.30 -5.56
CA ALA A 154 -14.45 -0.46 -6.71
C ALA A 154 -15.13 -1.84 -6.76
N ALA A 155 -14.33 -2.92 -6.77
CA ALA A 155 -14.80 -4.30 -6.82
C ALA A 155 -15.72 -4.61 -5.67
N SER A 156 -15.33 -4.29 -4.42
CA SER A 156 -16.16 -4.58 -3.26
C SER A 156 -17.45 -3.74 -3.23
N SER A 157 -17.36 -2.40 -3.43
CA SER A 157 -18.54 -1.53 -3.42
C SER A 157 -19.55 -1.85 -4.54
N GLU A 158 -19.11 -2.54 -5.62
CA GLU A 158 -20.02 -2.89 -6.70
C GLU A 158 -20.47 -4.33 -6.62
N SER A 159 -19.57 -5.25 -6.20
CA SER A 159 -19.93 -6.66 -6.05
C SER A 159 -20.84 -6.86 -4.85
N LEU A 160 -20.52 -6.28 -3.68
CA LEU A 160 -21.37 -6.42 -2.48
C LEU A 160 -22.78 -5.88 -2.79
N LYS A 161 -22.87 -4.75 -3.53
CA LYS A 161 -24.15 -4.14 -3.95
C LYS A 161 -24.94 -5.13 -4.82
N THR A 162 -24.42 -5.48 -6.01
CA THR A 162 -25.02 -6.41 -6.99
C THR A 162 -25.33 -7.80 -6.38
N ILE A 163 -24.35 -8.43 -5.72
CA ILE A 163 -24.55 -9.77 -5.13
C ILE A 163 -25.69 -9.78 -4.11
N VAL A 164 -25.83 -8.73 -3.29
CA VAL A 164 -26.89 -8.66 -2.27
C VAL A 164 -28.24 -8.27 -2.90
N ARG A 165 -28.31 -7.14 -3.63
CA ARG A 165 -29.51 -6.62 -4.29
C ARG A 165 -30.13 -7.63 -5.27
N ASP A 166 -29.38 -8.06 -6.30
CA ASP A 166 -29.81 -9.03 -7.32
C ASP A 166 -29.80 -10.48 -6.83
N GLY A 167 -29.13 -10.74 -5.71
CA GLY A 167 -29.09 -12.07 -5.13
C GLY A 167 -30.40 -12.34 -4.44
N MET A 168 -30.87 -11.33 -3.67
CA MET A 168 -32.14 -11.35 -2.94
C MET A 168 -33.32 -11.41 -3.93
N ILE A 169 -33.26 -10.57 -5.00
CA ILE A 169 -34.28 -10.51 -6.06
C ILE A 169 -34.45 -11.91 -6.62
N THR A 170 -33.35 -12.56 -7.04
CA THR A 170 -33.35 -13.94 -7.56
C THR A 170 -34.06 -14.88 -6.58
N LEU A 171 -33.74 -14.77 -5.27
CA LEU A 171 -34.31 -15.58 -4.20
C LEU A 171 -35.80 -15.36 -3.96
N GLY A 172 -36.26 -14.14 -4.23
CA GLY A 172 -37.67 -13.78 -4.07
C GLY A 172 -38.50 -14.38 -5.18
N LEU A 173 -38.05 -14.16 -6.43
CA LEU A 173 -38.68 -14.65 -7.67
C LEU A 173 -38.62 -16.17 -7.76
N LEU A 174 -37.56 -16.81 -7.22
CA LEU A 174 -37.45 -18.27 -7.21
C LEU A 174 -38.48 -18.81 -6.25
N GLY A 175 -38.66 -18.12 -5.12
CA GLY A 175 -39.63 -18.44 -4.07
C GLY A 175 -41.03 -18.30 -4.61
N TYR A 176 -41.31 -17.16 -5.26
CA TYR A 176 -42.60 -16.85 -5.87
C TYR A 176 -42.99 -17.88 -6.91
N LEU A 177 -42.04 -18.29 -7.78
CA LEU A 177 -42.33 -19.29 -8.81
C LEU A 177 -42.63 -20.64 -8.18
N PHE A 178 -42.07 -20.92 -6.98
CA PHE A 178 -42.32 -22.17 -6.25
C PHE A 178 -43.73 -22.18 -5.64
N TYR A 179 -44.17 -21.03 -5.08
CA TYR A 179 -45.51 -20.88 -4.52
C TYR A 179 -46.55 -20.94 -5.66
N THR A 180 -46.28 -20.24 -6.78
CA THR A 180 -47.11 -20.18 -7.99
C THR A 180 -47.28 -21.57 -8.60
N ASN A 181 -46.15 -22.27 -8.89
CA ASN A 181 -46.17 -23.61 -9.47
C ASN A 181 -44.86 -24.34 -9.19
N TRP A 182 -44.79 -25.08 -8.06
CA TRP A 182 -43.57 -25.82 -7.71
C TRP A 182 -43.29 -27.03 -8.60
N ARG A 183 -44.30 -27.53 -9.32
CA ARG A 183 -44.15 -28.68 -10.20
C ARG A 183 -43.27 -28.31 -11.38
N LEU A 184 -43.41 -27.07 -11.89
CA LEU A 184 -42.64 -26.54 -13.02
C LEU A 184 -41.31 -25.92 -12.59
N THR A 185 -41.29 -25.19 -11.47
CA THR A 185 -40.11 -24.52 -10.91
C THR A 185 -39.03 -25.54 -10.53
N ILE A 186 -39.43 -26.76 -10.12
CA ILE A 186 -38.51 -27.83 -9.75
C ILE A 186 -37.73 -28.37 -10.96
N CYS A 187 -38.23 -28.12 -12.19
CA CYS A 187 -37.57 -28.56 -13.41
C CYS A 187 -36.39 -27.64 -13.75
N ILE A 188 -36.39 -26.41 -13.18
CA ILE A 188 -35.34 -25.40 -13.34
C ILE A 188 -34.05 -25.86 -12.64
N MET A 189 -34.19 -26.53 -11.47
CA MET A 189 -33.10 -27.07 -10.64
C MET A 189 -32.22 -28.10 -11.37
N VAL A 190 -32.77 -28.83 -12.36
CA VAL A 190 -31.99 -29.81 -13.12
C VAL A 190 -31.03 -29.09 -14.12
N PHE A 191 -31.37 -27.83 -14.47
CA PHE A 191 -30.60 -26.97 -15.38
C PHE A 191 -29.52 -26.15 -14.65
N LEU A 192 -29.62 -26.07 -13.31
CA LEU A 192 -28.68 -25.34 -12.46
C LEU A 192 -27.25 -25.91 -12.52
N PRO A 193 -26.97 -27.25 -12.47
CA PRO A 193 -25.57 -27.72 -12.59
C PRO A 193 -24.88 -27.35 -13.91
N VAL A 194 -25.68 -26.96 -14.93
CA VAL A 194 -25.15 -26.54 -16.22
C VAL A 194 -24.57 -25.14 -16.02
N ILE A 195 -25.42 -24.19 -15.53
CA ILE A 195 -25.07 -22.79 -15.23
C ILE A 195 -23.89 -22.78 -14.25
N GLY A 196 -23.97 -23.61 -13.20
CA GLY A 196 -22.94 -23.76 -12.17
C GLY A 196 -21.58 -24.12 -12.70
N ILE A 197 -21.54 -24.99 -13.71
CA ILE A 197 -20.31 -25.42 -14.36
C ILE A 197 -19.82 -24.32 -15.31
N LEU A 198 -20.77 -23.62 -15.98
CA LEU A 198 -20.50 -22.54 -16.93
C LEU A 198 -19.92 -21.29 -16.26
N VAL A 199 -20.44 -20.94 -15.06
CA VAL A 199 -20.00 -19.79 -14.29
C VAL A 199 -18.63 -20.10 -13.63
N ARG A 200 -18.41 -21.34 -13.16
CA ARG A 200 -17.16 -21.77 -12.54
C ARG A 200 -15.99 -21.70 -13.53
N LYS A 201 -16.17 -22.28 -14.75
CA LYS A 201 -15.15 -22.29 -15.80
C LYS A 201 -14.70 -20.89 -16.15
N ALA A 202 -15.66 -19.97 -16.29
CA ALA A 202 -15.43 -18.56 -16.61
C ALA A 202 -14.76 -17.81 -15.44
N SER A 203 -15.22 -18.07 -14.20
CA SER A 203 -14.71 -17.48 -12.96
C SER A 203 -13.22 -17.76 -12.77
N LYS A 204 -12.80 -19.05 -12.85
CA LYS A 204 -11.39 -19.43 -12.66
C LYS A 204 -10.47 -18.83 -13.76
N ARG A 205 -10.99 -18.69 -14.99
CA ARG A 205 -10.26 -18.13 -16.11
C ARG A 205 -10.01 -16.65 -15.87
N MET A 206 -11.04 -15.91 -15.42
CA MET A 206 -10.95 -14.47 -15.15
C MET A 206 -10.08 -14.15 -13.95
N ARG A 207 -9.93 -15.10 -12.99
CA ARG A 207 -9.11 -14.91 -11.81
C ARG A 207 -7.63 -14.83 -12.21
N LYS A 208 -7.16 -15.80 -13.04
CA LYS A 208 -5.80 -15.85 -13.56
C LYS A 208 -5.51 -14.51 -14.28
N LEU A 209 -6.49 -14.01 -15.04
CA LEU A 209 -6.39 -12.76 -15.80
C LEU A 209 -6.36 -11.55 -14.88
N SER A 210 -7.07 -11.62 -13.73
CA SER A 210 -7.11 -10.55 -12.75
C SER A 210 -5.73 -10.38 -12.15
N MET A 211 -5.04 -11.52 -11.89
CA MET A 211 -3.67 -11.57 -11.36
C MET A 211 -2.73 -10.87 -12.33
N GLN A 212 -2.81 -11.26 -13.60
CA GLN A 212 -2.00 -10.72 -14.69
C GLN A 212 -2.25 -9.24 -14.95
N VAL A 213 -3.53 -8.77 -14.86
CA VAL A 213 -3.88 -7.37 -15.11
C VAL A 213 -3.36 -6.42 -14.01
N GLN A 214 -3.24 -6.92 -12.76
CA GLN A 214 -2.75 -6.10 -11.68
C GLN A 214 -1.22 -6.04 -11.66
N ASP A 215 -0.53 -7.17 -11.96
CA ASP A 215 0.93 -7.22 -11.98
C ASP A 215 1.46 -6.27 -13.02
N THR A 216 0.89 -6.34 -14.27
CA THR A 216 1.25 -5.50 -15.43
C THR A 216 1.04 -4.02 -15.13
N MET A 217 0.07 -3.72 -14.24
CA MET A 217 -0.25 -2.38 -13.81
C MET A 217 0.82 -1.82 -12.87
N GLY A 218 1.41 -2.70 -12.06
CA GLY A 218 2.50 -2.37 -11.14
C GLY A 218 3.77 -2.19 -11.95
N ASP A 219 3.82 -2.86 -13.10
CA ASP A 219 4.94 -2.77 -14.01
C ASP A 219 4.91 -1.42 -14.71
N VAL A 220 3.72 -0.98 -15.15
CA VAL A 220 3.53 0.33 -15.79
C VAL A 220 3.89 1.42 -14.76
N ASN A 221 3.45 1.25 -13.50
CA ASN A 221 3.73 2.17 -12.41
C ASN A 221 5.27 2.26 -12.21
N HIS A 222 5.96 1.09 -12.19
CA HIS A 222 7.42 1.01 -12.05
C HIS A 222 8.14 1.83 -13.12
N VAL A 223 7.81 1.60 -14.41
CA VAL A 223 8.37 2.28 -15.58
C VAL A 223 8.19 3.81 -15.44
N VAL A 224 6.96 4.27 -15.11
CA VAL A 224 6.69 5.70 -14.99
C VAL A 224 7.49 6.30 -13.80
N GLN A 225 7.38 5.74 -12.58
CA GLN A 225 8.08 6.21 -11.40
C GLN A 225 9.60 6.39 -11.59
N GLU A 226 10.25 5.42 -12.28
CA GLU A 226 11.69 5.41 -12.58
C GLU A 226 12.04 6.55 -13.51
N SER A 227 11.22 6.77 -14.54
CA SER A 227 11.37 7.82 -15.52
C SER A 227 11.36 9.19 -14.82
N ILE A 228 10.52 9.32 -13.75
CA ILE A 228 10.37 10.55 -12.98
C ILE A 228 11.58 10.77 -12.10
N ASN A 229 12.06 9.71 -11.51
CA ASN A 229 13.22 9.80 -10.65
C ASN A 229 14.50 10.10 -11.41
N GLY A 230 14.68 9.44 -12.54
CA GLY A 230 15.88 9.58 -13.36
C GLY A 230 15.77 10.48 -14.54
N ASN A 231 14.87 11.47 -14.47
CA ASN A 231 14.62 12.46 -15.53
C ASN A 231 15.94 13.10 -16.09
N ALA A 232 16.95 13.33 -15.23
CA ALA A 232 18.25 13.92 -15.62
C ALA A 232 19.04 12.97 -16.54
N VAL A 233 19.01 11.65 -16.27
CA VAL A 233 19.70 10.62 -17.07
C VAL A 233 18.90 10.38 -18.35
N VAL A 234 17.55 10.34 -18.23
CA VAL A 234 16.62 10.20 -19.37
C VAL A 234 16.89 11.34 -20.34
N LYS A 235 17.09 12.57 -19.83
CA LYS A 235 17.38 13.76 -20.64
C LYS A 235 18.81 13.80 -21.19
N SER A 236 19.83 13.69 -20.32
CA SER A 236 21.23 13.74 -20.75
C SER A 236 21.62 12.64 -21.75
N PHE A 237 21.23 11.40 -21.48
CA PHE A 237 21.55 10.22 -22.27
C PHE A 237 20.50 9.90 -23.29
N ALA A 238 19.56 10.83 -23.50
CA ALA A 238 18.47 10.71 -24.49
C ALA A 238 17.76 9.32 -24.45
N GLY A 239 17.34 8.93 -23.26
CA GLY A 239 16.64 7.68 -23.06
C GLY A 239 15.14 7.72 -23.26
N GLU A 240 14.58 8.79 -23.84
CA GLU A 240 13.12 8.91 -24.07
C GLU A 240 12.52 7.79 -24.95
N GLU A 241 13.13 7.49 -26.11
CA GLU A 241 12.64 6.46 -27.01
C GLU A 241 12.58 5.13 -26.25
N SER A 242 13.66 4.77 -25.53
CA SER A 242 13.76 3.53 -24.75
C SER A 242 12.73 3.43 -23.60
N GLU A 243 12.39 4.56 -22.94
CA GLU A 243 11.41 4.59 -21.85
C GLU A 243 10.02 4.40 -22.43
N GLN A 244 9.77 5.06 -23.58
CA GLN A 244 8.53 4.99 -24.33
C GLN A 244 8.30 3.53 -24.73
N GLU A 245 9.36 2.85 -25.24
CA GLU A 245 9.32 1.44 -25.65
C GLU A 245 8.89 0.54 -24.49
N ARG A 246 9.59 0.62 -23.35
CA ARG A 246 9.23 -0.20 -22.19
C ARG A 246 7.85 0.17 -21.62
N PHE A 247 7.42 1.44 -21.80
CA PHE A 247 6.10 1.87 -21.32
C PHE A 247 5.03 1.20 -22.16
N TYR A 248 5.27 1.11 -23.47
CA TYR A 248 4.39 0.49 -24.46
C TYR A 248 4.28 -0.99 -24.19
N LYS A 249 5.44 -1.65 -24.05
CA LYS A 249 5.55 -3.07 -23.78
C LYS A 249 4.66 -3.47 -22.60
N SER A 250 4.80 -2.82 -21.44
CA SER A 250 3.99 -3.12 -20.24
C SER A 250 2.55 -2.62 -20.33
N SER A 251 2.33 -1.47 -21.01
CA SER A 251 1.03 -0.84 -21.23
C SER A 251 0.16 -1.71 -22.10
N GLU A 252 0.72 -2.22 -23.20
CA GLU A 252 0.07 -3.09 -24.18
C GLU A 252 -0.26 -4.46 -23.62
N GLU A 253 0.64 -5.08 -22.86
CA GLU A 253 0.36 -6.37 -22.23
C GLU A 253 -0.90 -6.20 -21.37
N ASN A 254 -0.92 -5.16 -20.54
CA ASN A 254 -2.02 -4.80 -19.65
C ASN A 254 -3.34 -4.62 -20.43
N LEU A 255 -3.24 -4.15 -21.69
CA LEU A 255 -4.38 -3.90 -22.56
C LEU A 255 -4.89 -5.20 -23.18
N LYS A 256 -3.98 -6.05 -23.69
CA LYS A 256 -4.38 -7.30 -24.30
C LYS A 256 -4.85 -8.30 -23.24
N ARG A 257 -4.61 -8.01 -21.96
CA ARG A 257 -5.06 -8.89 -20.89
C ARG A 257 -6.48 -8.52 -20.44
N GLY A 258 -6.75 -7.23 -20.27
CA GLY A 258 -8.06 -6.71 -19.89
C GLY A 258 -9.10 -6.97 -20.96
N LEU A 259 -8.64 -6.98 -22.23
CA LEU A 259 -9.46 -7.25 -23.41
C LEU A 259 -9.93 -8.68 -23.34
N LYS A 260 -9.00 -9.65 -23.09
CA LYS A 260 -9.27 -11.10 -22.94
C LYS A 260 -10.28 -11.36 -21.84
N MET A 261 -10.13 -10.66 -20.72
CA MET A 261 -11.01 -10.75 -19.58
C MET A 261 -12.44 -10.31 -19.97
N VAL A 262 -12.54 -9.21 -20.75
CA VAL A 262 -13.82 -8.67 -21.23
C VAL A 262 -14.48 -9.66 -22.20
N ILE A 263 -13.71 -10.22 -23.16
CA ILE A 263 -14.22 -11.23 -24.10
C ILE A 263 -14.81 -12.40 -23.28
N VAL A 264 -14.06 -12.92 -22.28
CA VAL A 264 -14.53 -14.00 -21.42
C VAL A 264 -15.84 -13.62 -20.74
N GLN A 265 -15.93 -12.39 -20.18
CA GLN A 265 -17.12 -11.88 -19.50
C GLN A 265 -18.29 -11.79 -20.46
N ASN A 266 -18.19 -10.89 -21.46
CA ASN A 266 -19.19 -10.61 -22.50
C ASN A 266 -19.69 -11.84 -23.27
N LEU A 267 -18.98 -12.97 -23.16
CA LEU A 267 -19.39 -14.21 -23.82
C LEU A 267 -20.05 -15.17 -22.82
N ASN A 268 -19.65 -15.12 -21.52
CA ASN A 268 -20.22 -16.00 -20.50
C ASN A 268 -21.67 -15.67 -20.16
N SER A 269 -21.97 -14.40 -19.81
CA SER A 269 -23.32 -13.96 -19.45
C SER A 269 -24.41 -14.37 -20.47
N PRO A 270 -24.28 -14.16 -21.81
CA PRO A 270 -25.34 -14.59 -22.74
C PRO A 270 -25.50 -16.10 -22.89
N VAL A 271 -24.38 -16.87 -22.85
CA VAL A 271 -24.39 -18.34 -22.95
C VAL A 271 -25.19 -18.91 -21.79
N VAL A 272 -25.15 -18.21 -20.65
CA VAL A 272 -25.88 -18.56 -19.45
C VAL A 272 -27.36 -18.20 -19.70
N GLN A 273 -27.62 -17.05 -20.34
CA GLN A 273 -28.98 -16.59 -20.68
C GLN A 273 -29.65 -17.60 -21.63
N VAL A 274 -28.88 -18.14 -22.62
CA VAL A 274 -29.38 -19.12 -23.60
C VAL A 274 -29.68 -20.46 -22.92
N VAL A 275 -28.84 -20.89 -21.97
CA VAL A 275 -29.04 -22.14 -21.26
C VAL A 275 -30.16 -21.97 -20.19
N MET A 276 -30.69 -20.76 -20.06
CA MET A 276 -31.78 -20.40 -19.17
C MET A 276 -33.03 -20.42 -20.04
N ALA A 277 -32.92 -19.93 -21.30
CA ALA A 277 -34.00 -19.89 -22.28
C ALA A 277 -34.45 -21.32 -22.63
N CYS A 278 -33.49 -22.28 -22.67
CA CYS A 278 -33.74 -23.69 -22.94
C CYS A 278 -34.54 -24.33 -21.80
N ALA A 279 -34.28 -23.88 -20.55
CA ALA A 279 -35.00 -24.32 -19.36
C ALA A 279 -36.38 -23.69 -19.39
N MET A 280 -36.49 -22.47 -19.94
CA MET A 280 -37.75 -21.71 -20.06
C MET A 280 -38.68 -22.37 -21.07
N ALA A 281 -38.18 -22.60 -22.30
CA ALA A 281 -38.95 -23.23 -23.37
C ALA A 281 -39.48 -24.60 -22.94
N LEU A 282 -38.63 -25.44 -22.30
CA LEU A 282 -38.99 -26.77 -21.79
C LEU A 282 -40.10 -26.69 -20.73
N ILE A 283 -40.05 -25.66 -19.86
CA ILE A 283 -41.05 -25.43 -18.81
C ILE A 283 -42.33 -24.92 -19.48
N VAL A 284 -42.18 -24.17 -20.58
CA VAL A 284 -43.29 -23.61 -21.32
C VAL A 284 -44.03 -24.72 -22.13
N TRP A 285 -43.29 -25.62 -22.82
CA TRP A 285 -43.85 -26.72 -23.62
C TRP A 285 -44.64 -27.73 -22.77
N LEU A 286 -44.33 -27.79 -21.47
CA LEU A 286 -45.00 -28.63 -20.48
C LEU A 286 -46.25 -27.87 -19.99
N ALA A 287 -46.18 -26.52 -19.96
CA ALA A 287 -47.26 -25.61 -19.55
C ALA A 287 -48.20 -25.33 -20.74
N LEU A 288 -47.80 -25.80 -21.94
CA LEU A 288 -48.57 -25.69 -23.17
C LEU A 288 -49.00 -27.07 -23.68
N ARG A 289 -49.32 -27.94 -22.71
CA ARG A 289 -49.81 -29.29 -22.85
C ARG A 289 -51.34 -29.13 -22.83
N PRO A 290 -52.13 -30.04 -23.49
CA PRO A 290 -53.60 -29.94 -23.50
C PRO A 290 -54.28 -29.13 -22.37
N GLN A 291 -54.21 -29.60 -21.11
CA GLN A 291 -54.84 -28.96 -19.95
C GLN A 291 -54.17 -27.62 -19.53
N ILE A 292 -54.64 -26.52 -20.16
CA ILE A 292 -54.22 -25.13 -19.92
C ILE A 292 -55.35 -24.45 -19.14
N LEU A 293 -56.61 -24.94 -19.35
CA LEU A 293 -57.80 -24.43 -18.65
C LEU A 293 -57.79 -25.08 -17.25
N GLY A 294 -57.04 -24.43 -16.37
CA GLY A 294 -56.86 -24.82 -14.97
C GLY A 294 -56.48 -23.58 -14.22
N ASN A 295 -55.36 -22.96 -14.67
CA ASN A 295 -54.80 -21.72 -14.16
C ASN A 295 -55.70 -20.57 -14.63
N THR A 296 -55.57 -19.35 -14.04
CA THR A 296 -56.39 -18.17 -14.41
C THR A 296 -55.96 -17.72 -15.82
N THR A 297 -56.28 -18.54 -16.85
CA THR A 297 -55.96 -18.38 -18.28
C THR A 297 -54.70 -17.51 -18.44
N ALA A 298 -54.86 -16.18 -18.63
CA ALA A 298 -53.76 -15.25 -18.76
C ALA A 298 -53.14 -14.96 -17.39
N GLY A 299 -53.90 -14.36 -16.48
CA GLY A 299 -53.51 -13.99 -15.11
C GLY A 299 -52.41 -14.83 -14.47
N GLU A 300 -52.69 -16.12 -14.21
CA GLU A 300 -51.74 -17.05 -13.61
C GLU A 300 -50.58 -17.40 -14.53
N PHE A 301 -50.85 -17.61 -15.84
CA PHE A 301 -49.81 -17.95 -16.81
C PHE A 301 -48.81 -16.83 -17.01
N VAL A 302 -49.31 -15.62 -17.34
CA VAL A 302 -48.53 -14.40 -17.56
C VAL A 302 -47.68 -14.08 -16.32
N ALA A 303 -48.27 -14.18 -15.10
CA ALA A 303 -47.54 -13.91 -13.85
C ALA A 303 -46.28 -14.76 -13.70
N TYR A 304 -46.32 -16.02 -14.16
CA TYR A 304 -45.19 -16.94 -14.11
C TYR A 304 -44.15 -16.53 -15.14
N ILE A 305 -44.61 -16.21 -16.37
CA ILE A 305 -43.73 -15.81 -17.46
C ILE A 305 -43.05 -14.46 -17.12
N THR A 306 -43.80 -13.52 -16.50
CA THR A 306 -43.31 -12.20 -16.08
C THR A 306 -42.25 -12.39 -14.97
N ALA A 307 -42.54 -13.20 -13.94
CA ALA A 307 -41.58 -13.48 -12.85
C ALA A 307 -40.38 -14.28 -13.36
N ALA A 308 -40.51 -14.97 -14.49
CA ALA A 308 -39.39 -15.71 -15.06
C ALA A 308 -38.48 -14.73 -15.80
N GLY A 309 -39.08 -13.71 -16.43
CA GLY A 309 -38.38 -12.66 -17.17
C GLY A 309 -37.79 -11.58 -16.28
N LEU A 310 -38.42 -11.36 -15.10
CA LEU A 310 -37.96 -10.39 -14.10
C LEU A 310 -36.69 -10.91 -13.45
N LEU A 311 -36.40 -12.20 -13.67
CA LEU A 311 -35.27 -12.96 -13.18
C LEU A 311 -34.07 -12.82 -14.15
N SER A 312 -34.34 -12.67 -15.47
CA SER A 312 -33.35 -12.55 -16.54
C SER A 312 -32.28 -11.47 -16.31
N LYS A 313 -32.70 -10.21 -16.05
CA LYS A 313 -31.80 -9.09 -15.80
C LYS A 313 -30.99 -9.26 -14.49
N PRO A 314 -31.59 -9.48 -13.29
CA PRO A 314 -30.75 -9.66 -12.09
C PRO A 314 -29.73 -10.80 -12.18
N VAL A 315 -29.99 -11.81 -13.02
CA VAL A 315 -29.08 -12.94 -13.19
C VAL A 315 -27.92 -12.54 -14.11
N LYS A 316 -28.21 -11.81 -15.21
CA LYS A 316 -27.18 -11.31 -16.14
C LYS A 316 -26.24 -10.39 -15.33
N ASN A 317 -26.78 -9.69 -14.31
CA ASN A 317 -26.03 -8.79 -13.41
C ASN A 317 -25.06 -9.63 -12.55
N LEU A 318 -25.54 -10.78 -12.05
CA LEU A 318 -24.79 -11.71 -11.21
C LEU A 318 -23.66 -12.43 -11.97
N THR A 319 -23.80 -12.56 -13.29
CA THR A 319 -22.77 -13.18 -14.12
C THR A 319 -21.77 -12.11 -14.59
N ASP A 320 -22.22 -10.85 -14.72
CA ASP A 320 -21.41 -9.70 -15.15
C ASP A 320 -20.50 -9.21 -14.02
N VAL A 321 -20.94 -9.41 -12.76
CA VAL A 321 -20.22 -9.00 -11.57
C VAL A 321 -18.98 -9.88 -11.33
N ASN A 322 -18.95 -11.09 -11.92
CA ASN A 322 -17.85 -12.06 -11.80
C ASN A 322 -16.47 -11.49 -12.17
N GLU A 323 -16.41 -10.64 -13.22
CA GLU A 323 -15.16 -9.98 -13.65
C GLU A 323 -14.70 -9.09 -12.51
N LYS A 324 -15.61 -8.21 -12.03
CA LYS A 324 -15.38 -7.28 -10.92
C LYS A 324 -14.94 -8.03 -9.65
N LEU A 325 -15.59 -9.17 -9.38
CA LEU A 325 -15.32 -10.03 -8.22
C LEU A 325 -13.93 -10.71 -8.29
N GLN A 326 -13.50 -11.19 -9.47
CA GLN A 326 -12.18 -11.82 -9.60
C GLN A 326 -11.06 -10.79 -9.42
N ARG A 327 -11.32 -9.55 -9.90
CA ARG A 327 -10.42 -8.39 -9.83
C ARG A 327 -10.13 -8.00 -8.38
N GLY A 328 -11.17 -7.93 -7.56
CA GLY A 328 -11.06 -7.57 -6.14
C GLY A 328 -10.46 -8.65 -5.27
N LEU A 329 -10.65 -9.92 -5.66
CA LEU A 329 -10.12 -11.09 -4.95
C LEU A 329 -8.60 -11.12 -5.12
N ALA A 330 -8.14 -10.85 -6.36
CA ALA A 330 -6.72 -10.81 -6.74
C ALA A 330 -6.02 -9.70 -5.95
N ALA A 331 -6.73 -8.56 -5.75
CA ALA A 331 -6.26 -7.40 -5.03
C ALA A 331 -6.24 -7.65 -3.51
N ALA A 332 -7.29 -8.31 -2.95
CA ALA A 332 -7.33 -8.63 -1.53
C ALA A 332 -6.19 -9.59 -1.21
N HIS A 333 -5.95 -10.58 -2.10
CA HIS A 333 -4.85 -11.54 -1.94
C HIS A 333 -3.50 -10.80 -1.88
N SER A 334 -3.34 -9.78 -2.73
CA SER A 334 -2.14 -8.94 -2.80
C SER A 334 -2.01 -8.07 -1.53
N VAL A 335 -3.13 -7.50 -1.06
CA VAL A 335 -3.17 -6.66 0.13
C VAL A 335 -2.81 -7.49 1.37
N PHE A 336 -3.35 -8.71 1.47
CA PHE A 336 -3.08 -9.57 2.62
C PHE A 336 -1.68 -10.07 2.62
N GLU A 337 -1.11 -10.31 1.42
CA GLU A 337 0.28 -10.78 1.23
C GLU A 337 1.24 -9.71 1.74
N LEU A 338 0.95 -8.43 1.40
CA LEU A 338 1.70 -7.24 1.79
C LEU A 338 1.67 -7.14 3.31
N LEU A 339 0.46 -7.28 3.91
CA LEU A 339 0.24 -7.22 5.37
C LEU A 339 0.86 -8.41 6.16
N ASP A 340 1.30 -9.47 5.45
CA ASP A 340 1.85 -10.66 6.06
C ASP A 340 3.33 -10.82 5.79
N LEU A 341 3.96 -9.77 5.21
CA LEU A 341 5.38 -9.77 4.90
C LEU A 341 6.16 -9.66 6.20
N PRO A 342 7.40 -10.24 6.27
CA PRO A 342 8.22 -10.04 7.46
C PRO A 342 8.59 -8.55 7.55
N GLU A 343 8.50 -8.00 8.74
CA GLU A 343 8.79 -6.60 8.92
C GLU A 343 9.92 -6.42 9.90
N GLU A 344 10.33 -5.14 10.14
CA GLU A 344 11.39 -4.75 11.07
C GLU A 344 10.97 -5.31 12.44
N GLN A 345 11.84 -6.15 13.06
CA GLN A 345 11.57 -6.77 14.38
C GLN A 345 11.70 -5.71 15.47
N ASN A 346 10.70 -5.57 16.34
CA ASN A 346 10.76 -4.56 17.40
C ASN A 346 10.18 -5.02 18.77
N SER A 347 11.09 -5.23 19.76
CA SER A 347 10.78 -5.65 21.17
C SER A 347 11.72 -4.85 22.14
N GLY A 348 11.20 -3.90 22.95
CA GLY A 348 12.16 -3.19 23.76
C GLY A 348 11.96 -2.56 25.13
N GLU A 349 12.87 -1.59 25.38
CA GLU A 349 13.03 -0.78 26.56
C GLU A 349 13.52 0.64 26.21
N LEU A 350 12.99 1.63 26.92
CA LEU A 350 13.20 3.07 26.72
C LEU A 350 14.45 3.69 27.47
N LYS A 351 15.65 3.18 27.20
CA LYS A 351 16.93 3.68 27.78
C LYS A 351 17.26 5.08 27.18
N PRO A 352 17.96 6.01 27.86
CA PRO A 352 18.27 7.32 27.25
C PRO A 352 19.58 7.41 26.42
N GLN A 353 20.36 6.31 26.32
CA GLN A 353 21.66 6.23 25.63
C GLN A 353 22.70 7.06 26.38
N LEU A 354 22.21 7.71 27.44
CA LEU A 354 22.93 8.56 28.36
C LEU A 354 23.99 9.43 27.68
N GLN A 355 25.25 8.96 27.69
CA GLN A 355 26.37 9.67 27.11
C GLN A 355 26.75 9.04 25.78
N GLY A 356 26.53 7.74 25.68
CA GLY A 356 26.80 7.07 24.41
C GLY A 356 28.02 6.19 24.31
N ALA A 357 28.06 5.12 25.11
CA ALA A 357 29.11 4.12 25.04
C ALA A 357 28.60 3.13 23.98
N ILE A 358 29.48 2.70 23.06
CA ILE A 358 29.13 1.76 21.98
C ILE A 358 30.16 0.63 21.94
N ARG A 359 29.68 -0.61 21.91
CA ARG A 359 30.58 -1.74 21.86
C ARG A 359 30.22 -2.73 20.73
N PHE A 360 31.11 -2.88 19.75
CA PHE A 360 30.95 -3.84 18.65
C PHE A 360 31.68 -5.11 19.14
N ASP A 361 30.93 -6.19 19.35
CA ASP A 361 31.52 -7.44 19.81
C ASP A 361 31.40 -8.50 18.71
N HIS A 362 32.54 -8.80 18.03
CA HIS A 362 32.64 -9.82 16.96
C HIS A 362 31.49 -9.76 15.98
N VAL A 363 31.11 -8.53 15.61
CA VAL A 363 30.02 -8.19 14.68
C VAL A 363 30.35 -8.71 13.28
N VAL A 364 29.31 -9.22 12.62
CA VAL A 364 29.36 -9.72 11.26
C VAL A 364 28.06 -9.17 10.63
N LEU A 365 28.16 -8.65 9.38
CA LEU A 365 27.05 -8.10 8.63
C LEU A 365 27.02 -8.75 7.29
N ASN A 366 25.93 -9.48 7.04
CA ASN A 366 25.70 -10.14 5.77
C ASN A 366 24.48 -9.53 5.19
N TYR A 367 24.61 -9.11 3.95
CA TYR A 367 23.47 -8.53 3.25
C TYR A 367 22.65 -9.63 2.65
N ALA A 368 21.34 -9.41 2.51
CA ALA A 368 20.38 -10.36 1.96
C ALA A 368 21.03 -11.21 0.85
N ASP A 369 21.69 -10.55 -0.13
CA ASP A 369 22.40 -11.13 -1.28
C ASP A 369 23.66 -11.98 -0.96
N GLY A 370 24.00 -12.14 0.32
CA GLY A 370 25.15 -12.91 0.76
C GLY A 370 26.46 -12.15 0.88
N THR A 371 26.49 -10.84 0.55
CA THR A 371 27.74 -10.09 0.67
C THR A 371 28.06 -9.88 2.13
N GLN A 372 29.35 -10.11 2.49
N GLN A 372 29.35 -10.08 2.44
CA GLN A 372 29.85 -9.96 3.85
CA GLN A 372 29.94 -9.96 3.77
C GLN A 372 30.56 -8.62 3.98
C GLN A 372 30.59 -8.59 3.91
N ALA A 373 29.77 -7.56 4.23
CA ALA A 373 30.26 -6.17 4.38
C ALA A 373 31.14 -5.93 5.61
N ILE A 374 30.85 -6.63 6.75
CA ILE A 374 31.55 -6.56 8.06
C ILE A 374 31.94 -7.97 8.54
N LYS A 375 33.25 -8.16 8.88
CA LYS A 375 33.79 -9.44 9.31
C LYS A 375 34.52 -9.36 10.63
N ASP A 376 33.94 -9.99 11.68
CA ASP A 376 34.45 -10.04 13.06
C ASP A 376 34.93 -8.67 13.59
N PHE A 377 34.12 -7.61 13.33
CA PHE A 377 34.47 -6.26 13.77
C PHE A 377 34.14 -6.11 15.24
N SER A 378 35.20 -5.74 16.01
CA SER A 378 35.22 -5.51 17.46
C SER A 378 35.85 -4.14 17.74
N LEU A 379 35.11 -3.27 18.44
CA LEU A 379 35.57 -1.92 18.78
C LEU A 379 34.74 -1.39 19.95
N ASP A 380 35.39 -0.64 20.85
CA ASP A 380 34.72 -0.11 22.03
C ASP A 380 34.90 1.42 22.13
N ILE A 381 33.79 2.14 21.90
CA ILE A 381 33.71 3.59 21.95
C ILE A 381 33.19 4.05 23.31
N ARG A 382 33.94 4.97 23.95
CA ARG A 382 33.61 5.54 25.26
C ARG A 382 32.74 6.80 25.10
N PRO A 383 31.84 7.12 26.06
CA PRO A 383 30.97 8.28 25.87
C PRO A 383 31.69 9.62 25.76
N GLY A 384 31.29 10.39 24.75
CA GLY A 384 31.81 11.72 24.44
C GLY A 384 33.14 11.68 23.75
N GLU A 385 33.29 10.73 22.83
CA GLU A 385 34.52 10.49 22.07
C GLU A 385 34.25 10.67 20.60
N THR A 386 35.20 11.26 19.87
CA THR A 386 35.05 11.41 18.42
C THR A 386 35.83 10.30 17.75
N VAL A 387 35.13 9.32 17.21
CA VAL A 387 35.82 8.23 16.52
C VAL A 387 35.62 8.37 14.99
N ALA A 388 36.77 8.49 14.26
CA ALA A 388 36.80 8.64 12.80
C ALA A 388 37.00 7.30 12.02
N LEU A 389 35.98 6.94 11.20
CA LEU A 389 36.07 5.76 10.34
C LEU A 389 36.72 6.18 8.98
N VAL A 390 37.90 5.59 8.70
CA VAL A 390 38.65 5.86 7.49
C VAL A 390 38.99 4.53 6.77
N GLY A 391 39.04 4.59 5.45
CA GLY A 391 39.34 3.42 4.62
C GLY A 391 38.83 3.60 3.21
N ARG A 392 39.14 2.62 2.34
CA ARG A 392 38.72 2.62 0.95
C ARG A 392 37.21 2.50 0.83
N SER A 393 36.71 2.65 -0.41
CA SER A 393 35.31 2.46 -0.70
C SER A 393 35.17 0.96 -0.61
N GLY A 394 34.14 0.47 0.01
CA GLY A 394 34.06 -0.98 0.17
C GLY A 394 34.71 -1.46 1.46
N ALA A 395 35.05 -0.55 2.36
CA ALA A 395 35.60 -0.89 3.66
C ALA A 395 34.46 -1.36 4.61
N GLY A 396 33.26 -0.82 4.39
CA GLY A 396 32.05 -1.10 5.15
C GLY A 396 31.77 -0.06 6.23
N LYS A 397 32.15 1.20 5.97
CA LYS A 397 31.98 2.31 6.91
C LYS A 397 30.50 2.64 7.07
N THR A 398 29.81 2.88 5.96
CA THR A 398 28.37 3.15 5.96
C THR A 398 27.61 1.95 6.55
N SER A 399 27.99 0.70 6.16
CA SER A 399 27.43 -0.58 6.63
C SER A 399 27.41 -0.69 8.17
N LEU A 400 28.53 -0.27 8.81
CA LEU A 400 28.79 -0.29 10.25
C LEU A 400 27.92 0.70 10.98
N VAL A 401 27.95 1.94 10.52
CA VAL A 401 27.18 3.06 11.04
C VAL A 401 25.65 2.76 10.89
N ASN A 402 25.24 2.17 9.75
CA ASN A 402 23.83 1.81 9.51
C ASN A 402 23.29 0.78 10.52
N MET A 403 24.20 -0.03 11.13
CA MET A 403 23.78 -1.04 12.11
C MET A 403 23.36 -0.39 13.44
N LEU A 404 24.00 0.72 13.79
CA LEU A 404 23.74 1.49 15.00
C LEU A 404 22.31 2.01 15.09
N VAL A 405 21.64 2.23 13.94
CA VAL A 405 20.24 2.69 13.85
C VAL A 405 19.30 1.55 13.41
N ARG A 406 19.84 0.31 13.36
CA ARG A 406 19.13 -0.90 12.96
C ARG A 406 18.53 -0.82 11.57
N PHE A 407 19.24 -0.15 10.61
CA PHE A 407 18.84 -0.08 9.20
C PHE A 407 19.17 -1.45 8.65
N GLN A 408 20.23 -2.08 9.21
CA GLN A 408 20.73 -3.42 8.93
C GLN A 408 20.92 -4.13 10.23
N GLU A 409 20.35 -5.32 10.34
CA GLU A 409 20.44 -6.14 11.55
C GLU A 409 21.77 -6.90 11.64
N VAL A 410 22.28 -7.06 12.87
CA VAL A 410 23.53 -7.79 13.13
C VAL A 410 23.30 -9.26 12.87
N SER A 411 24.05 -9.84 11.92
CA SER A 411 23.95 -11.27 11.61
C SER A 411 25.22 -11.83 12.18
N SER A 412 25.17 -12.32 13.43
CA SER A 412 26.33 -12.81 14.21
C SER A 412 27.08 -11.65 14.86
N GLY A 413 27.36 -11.83 16.14
CA GLY A 413 28.03 -10.87 16.99
C GLY A 413 27.04 -10.02 17.75
N GLN A 414 27.52 -8.96 18.40
CA GLN A 414 26.63 -8.09 19.15
C GLN A 414 27.06 -6.63 19.12
N ILE A 415 26.10 -5.73 19.40
CA ILE A 415 26.27 -4.30 19.52
C ILE A 415 25.60 -3.98 20.81
N TYR A 416 26.39 -3.49 21.75
CA TYR A 416 25.92 -3.10 23.07
C TYR A 416 26.04 -1.61 23.16
N LEU A 417 24.91 -0.95 23.41
CA LEU A 417 24.89 0.49 23.63
C LEU A 417 24.57 0.64 25.11
N ASP A 418 25.61 0.98 25.89
CA ASP A 418 25.59 1.16 27.35
C ASP A 418 25.35 -0.17 27.99
N ASP A 419 26.17 -1.15 27.55
CA ASP A 419 26.17 -2.55 27.97
C ASP A 419 24.80 -3.24 27.79
N LEU A 420 23.94 -2.67 26.91
CA LEU A 420 22.63 -3.23 26.61
C LEU A 420 22.58 -3.73 25.15
N PRO A 421 22.27 -5.04 24.93
CA PRO A 421 22.16 -5.53 23.54
C PRO A 421 21.22 -4.62 22.74
N ILE A 422 21.70 -4.12 21.57
CA ILE A 422 20.95 -3.18 20.75
C ILE A 422 19.49 -3.59 20.55
N ARG A 423 19.20 -4.88 20.26
CA ARG A 423 17.82 -5.33 20.02
C ARG A 423 16.90 -5.30 21.23
N ASP A 424 17.46 -5.12 22.45
CA ASP A 424 16.67 -5.03 23.68
C ASP A 424 15.97 -3.69 23.81
N ILE A 425 16.56 -2.64 23.18
CA ILE A 425 16.08 -1.25 23.11
C ILE A 425 14.95 -1.15 22.08
N GLU A 426 13.80 -0.52 22.48
CA GLU A 426 12.64 -0.31 21.59
C GLU A 426 13.10 0.54 20.39
N LEU A 427 12.81 0.07 19.16
CA LEU A 427 13.23 0.72 17.90
C LEU A 427 13.11 2.24 17.88
N SER A 428 11.89 2.80 18.10
CA SER A 428 11.68 4.25 18.13
C SER A 428 12.51 4.92 19.23
N SER A 429 12.75 4.23 20.35
CA SER A 429 13.57 4.79 21.40
C SER A 429 15.08 4.88 21.01
N LEU A 430 15.56 3.95 20.15
CA LEU A 430 16.96 3.92 19.70
C LEU A 430 17.20 5.08 18.74
N ARG A 431 16.42 5.09 17.63
CA ARG A 431 16.39 6.05 16.53
C ARG A 431 16.29 7.50 16.98
N THR A 432 15.35 7.82 17.89
CA THR A 432 15.16 9.17 18.44
C THR A 432 16.39 9.70 19.24
N GLN A 433 17.29 8.81 19.56
CA GLN A 433 18.47 9.11 20.34
C GLN A 433 19.78 9.07 19.56
N ILE A 434 19.68 8.68 18.28
CA ILE A 434 20.84 8.63 17.40
C ILE A 434 20.61 9.55 16.20
N ALA A 435 21.39 10.66 16.12
CA ALA A 435 21.32 11.66 15.03
C ALA A 435 22.12 11.18 13.84
N MET A 436 21.55 11.26 12.63
CA MET A 436 22.28 10.78 11.44
C MET A 436 22.37 11.73 10.25
N VAL A 437 23.58 11.94 9.75
CA VAL A 437 23.83 12.72 8.55
C VAL A 437 24.30 11.69 7.55
N ASN A 438 23.33 11.13 6.79
CA ASN A 438 23.51 10.11 5.74
C ASN A 438 24.45 10.59 4.61
N GLN A 439 25.12 9.64 3.89
CA GLN A 439 26.06 9.93 2.78
C GLN A 439 25.36 10.65 1.57
N GLN A 440 24.15 10.17 1.23
CA GLN A 440 23.29 10.69 0.15
C GLN A 440 22.17 11.41 0.92
N VAL A 441 22.22 12.75 0.94
CA VAL A 441 21.25 13.60 1.66
C VAL A 441 19.85 13.44 1.03
N VAL A 442 18.85 13.18 1.90
CA VAL A 442 17.45 12.96 1.55
C VAL A 442 16.60 14.11 2.11
N LEU A 443 15.87 14.80 1.23
CA LEU A 443 15.02 15.93 1.59
C LEU A 443 13.60 15.79 1.01
N PHE A 444 12.63 16.38 1.69
CA PHE A 444 11.23 16.31 1.27
C PHE A 444 10.81 17.54 0.50
N ASN A 445 9.68 17.42 -0.21
CA ASN A 445 9.04 18.48 -0.99
C ASN A 445 8.14 19.28 0.00
N ARG A 446 8.79 19.89 1.00
CA ARG A 446 8.18 20.69 2.08
C ARG A 446 8.99 21.96 2.26
N THR A 447 8.54 22.87 3.15
CA THR A 447 9.28 24.11 3.41
C THR A 447 10.66 23.75 4.03
N VAL A 448 11.58 24.72 4.09
CA VAL A 448 12.93 24.57 4.66
C VAL A 448 12.74 24.17 6.13
N ARG A 449 11.89 24.94 6.87
CA ARG A 449 11.59 24.71 8.28
C ARG A 449 11.04 23.31 8.55
N GLU A 450 10.13 22.81 7.68
CA GLU A 450 9.54 21.50 7.83
C GLU A 450 10.54 20.38 7.60
N ASN A 451 11.58 20.67 6.80
CA ASN A 451 12.65 19.71 6.53
C ASN A 451 13.60 19.65 7.74
N ILE A 452 13.83 20.80 8.43
CA ILE A 452 14.72 20.82 9.58
C ILE A 452 14.02 20.18 10.81
N ALA A 453 12.79 20.60 11.07
CA ALA A 453 11.95 20.16 12.18
C ALA A 453 11.02 19.04 11.67
N TYR A 454 11.65 17.95 11.20
CA TYR A 454 10.93 16.80 10.67
C TYR A 454 10.81 15.73 11.73
N GLY A 455 9.78 14.88 11.60
CA GLY A 455 9.48 13.73 12.44
C GLY A 455 9.39 14.03 13.92
N GLN A 456 10.32 13.49 14.68
CA GLN A 456 10.42 13.67 16.12
C GLN A 456 10.70 15.15 16.48
N LEU A 457 11.11 15.98 15.52
CA LEU A 457 11.41 17.40 15.78
C LEU A 457 10.30 18.27 15.32
N HIS A 458 9.17 17.70 14.93
CA HIS A 458 8.03 18.46 14.41
C HIS A 458 7.30 19.33 15.44
N ASN A 459 7.82 19.40 16.66
CA ASN A 459 7.26 20.19 17.75
C ASN A 459 8.24 21.29 18.15
N ALA A 460 9.33 21.46 17.35
CA ALA A 460 10.33 22.48 17.58
C ALA A 460 9.71 23.80 17.17
N SER A 461 9.97 24.87 17.91
CA SER A 461 9.44 26.18 17.59
C SER A 461 10.25 26.81 16.46
N ASP A 462 9.75 27.91 15.86
CA ASP A 462 10.45 28.66 14.80
C ASP A 462 11.85 29.07 15.32
N GLU A 463 11.97 29.52 16.59
CA GLU A 463 13.28 29.93 17.13
C GLU A 463 14.29 28.77 17.18
N ASP A 464 13.81 27.52 17.41
CA ASP A 464 14.62 26.29 17.48
C ASP A 464 15.20 25.99 16.09
N VAL A 465 14.35 26.11 15.05
CA VAL A 465 14.71 25.92 13.64
C VAL A 465 15.82 26.89 13.24
N ILE A 466 15.62 28.23 13.46
CA ILE A 466 16.63 29.28 13.15
C ILE A 466 17.98 29.03 13.88
N ALA A 467 17.92 28.56 15.13
CA ALA A 467 19.09 28.22 15.93
C ALA A 467 19.97 27.12 15.31
N ALA A 468 19.29 26.11 14.72
CA ALA A 468 19.85 24.93 14.05
C ALA A 468 20.52 25.33 12.75
N ALA A 469 19.78 26.07 11.92
CA ALA A 469 20.29 26.57 10.65
C ALA A 469 21.48 27.53 10.87
N LYS A 470 21.57 28.22 12.03
CA LYS A 470 22.69 29.11 12.38
C LYS A 470 23.91 28.28 12.79
N ALA A 471 23.69 27.15 13.52
CA ALA A 471 24.72 26.20 13.98
C ALA A 471 25.42 25.55 12.75
N ALA A 472 24.63 25.24 11.68
CA ALA A 472 25.13 24.79 10.36
C ALA A 472 25.37 26.16 9.63
N TYR A 473 25.93 26.21 8.44
CA TYR A 473 26.16 27.55 7.87
C TYR A 473 24.94 28.00 7.03
N ALA A 474 23.80 27.36 7.28
CA ALA A 474 22.52 27.41 6.60
C ALA A 474 21.70 28.71 6.68
N HIS A 475 21.65 29.40 7.82
CA HIS A 475 20.82 30.59 8.02
C HIS A 475 20.92 31.69 6.94
N ASP A 476 22.12 32.10 6.59
CA ASP A 476 22.29 33.19 5.63
C ASP A 476 21.75 32.85 4.24
N PHE A 477 22.05 31.64 3.69
CA PHE A 477 21.53 31.27 2.38
C PHE A 477 20.00 31.07 2.40
N ILE A 478 19.47 30.62 3.53
CA ILE A 478 18.03 30.40 3.72
C ILE A 478 17.32 31.73 3.59
N MET A 479 17.91 32.75 4.24
CA MET A 479 17.43 34.11 4.23
C MET A 479 17.49 34.75 2.85
N ASN A 480 18.34 34.20 1.93
CA ASN A 480 18.43 34.70 0.55
C ASN A 480 17.50 34.02 -0.40
N LEU A 481 16.88 32.87 0.00
CA LEU A 481 15.92 32.12 -0.83
C LEU A 481 14.62 32.93 -1.00
N PRO A 482 13.84 32.71 -2.10
CA PRO A 482 12.61 33.48 -2.30
C PRO A 482 11.67 33.63 -1.12
N ASN A 483 11.56 32.61 -0.24
CA ASN A 483 10.67 32.67 0.92
C ASN A 483 11.32 32.33 2.26
N GLY A 484 12.59 32.60 2.43
CA GLY A 484 13.30 32.35 3.68
C GLY A 484 13.22 30.92 4.17
N TYR A 485 12.61 30.71 5.36
CA TYR A 485 12.43 29.39 5.96
C TYR A 485 11.14 28.71 5.44
N ASP A 486 10.30 29.48 4.70
CA ASP A 486 9.00 29.07 4.11
C ASP A 486 9.10 28.76 2.56
N THR A 487 10.37 28.71 2.03
CA THR A 487 10.64 28.39 0.63
C THR A 487 10.37 26.93 0.54
N VAL A 488 9.33 26.55 -0.17
CA VAL A 488 9.00 25.14 -0.31
C VAL A 488 10.05 24.49 -1.23
N LEU A 489 10.84 23.55 -0.67
CA LEU A 489 11.90 22.85 -1.41
C LEU A 489 11.29 21.88 -2.43
N GLY A 490 11.98 21.76 -3.56
CA GLY A 490 11.57 20.91 -4.66
C GLY A 490 11.73 19.44 -4.36
N ALA A 491 11.51 18.61 -5.40
CA ALA A 491 11.54 17.14 -5.34
C ALA A 491 12.56 16.55 -4.35
N GLN A 492 13.85 16.78 -4.54
CA GLN A 492 14.82 16.23 -3.59
C GLN A 492 15.55 17.39 -2.97
N GLY A 493 14.89 18.54 -2.90
CA GLY A 493 15.53 19.76 -2.41
C GLY A 493 16.53 20.19 -3.48
N LEU A 494 16.27 19.77 -4.74
CA LEU A 494 17.15 20.05 -5.87
C LEU A 494 17.00 21.49 -6.42
N ASN A 495 16.28 22.35 -5.66
CA ASN A 495 16.11 23.77 -5.92
C ASN A 495 17.22 24.49 -5.09
N LEU A 496 17.96 23.70 -4.30
CA LEU A 496 19.12 24.15 -3.53
C LEU A 496 20.37 23.53 -4.15
N SER A 497 21.52 24.15 -3.94
CA SER A 497 22.80 23.70 -4.41
C SER A 497 23.26 22.50 -3.56
N GLY A 498 24.33 21.84 -4.00
CA GLY A 498 24.90 20.65 -3.37
C GLY A 498 25.20 20.81 -1.90
N GLY A 499 26.12 21.74 -1.59
CA GLY A 499 26.54 22.07 -0.23
C GLY A 499 25.40 22.62 0.60
N GLN A 500 24.42 23.27 -0.06
CA GLN A 500 23.24 23.84 0.57
C GLN A 500 22.32 22.76 1.10
N ARG A 501 22.02 21.72 0.30
CA ARG A 501 21.16 20.60 0.71
C ARG A 501 21.81 19.87 1.88
N GLN A 502 23.16 19.76 1.81
CA GLN A 502 24.01 19.13 2.82
C GLN A 502 23.93 19.83 4.14
N ARG A 503 23.89 21.18 4.16
CA ARG A 503 23.78 21.94 5.40
C ARG A 503 22.39 21.85 6.02
N ILE A 504 21.32 21.55 5.23
CA ILE A 504 19.94 21.39 5.76
C ILE A 504 19.90 20.08 6.57
N ALA A 505 20.58 19.06 6.07
CA ALA A 505 20.70 17.76 6.69
C ALA A 505 21.46 17.87 8.02
N ILE A 506 22.51 18.74 8.06
CA ILE A 506 23.36 18.99 9.24
C ILE A 506 22.50 19.70 10.27
N ALA A 507 21.74 20.76 9.83
CA ALA A 507 20.81 21.57 10.62
C ALA A 507 19.79 20.63 11.27
N ARG A 508 19.21 19.70 10.48
CA ARG A 508 18.27 18.69 10.94
C ARG A 508 18.82 17.82 12.10
N ALA A 509 20.08 17.35 11.97
CA ALA A 509 20.79 16.53 12.96
C ALA A 509 21.25 17.33 14.20
N ILE A 510 21.60 18.63 13.98
CA ILE A 510 22.03 19.53 15.05
C ILE A 510 20.80 19.83 15.93
N LEU A 511 19.64 20.12 15.27
CA LEU A 511 18.36 20.38 15.94
C LEU A 511 18.00 19.20 16.81
N LYS A 512 18.24 17.96 16.31
CA LYS A 512 18.00 16.70 17.04
C LYS A 512 18.74 16.68 18.38
N ASN A 513 20.01 17.20 18.46
CA ASN A 513 20.82 17.29 19.69
C ASN A 513 20.80 15.97 20.47
N ALA A 514 21.24 14.92 19.79
CA ALA A 514 21.23 13.54 20.26
C ALA A 514 22.52 13.14 20.99
N PRO A 515 22.44 12.14 21.95
CA PRO A 515 23.66 11.70 22.65
C PRO A 515 24.70 11.14 21.70
N ILE A 516 24.26 10.35 20.69
CA ILE A 516 25.11 9.77 19.65
C ILE A 516 24.90 10.49 18.28
N LEU A 517 25.97 11.01 17.69
CA LEU A 517 25.92 11.71 16.41
C LEU A 517 26.67 10.92 15.32
N ILE A 518 26.13 10.89 14.09
CA ILE A 518 26.75 10.15 12.97
C ILE A 518 26.90 11.03 11.73
N LEU A 519 28.15 11.27 11.34
CA LEU A 519 28.43 12.08 10.16
C LEU A 519 29.06 11.28 9.03
N ASP A 520 28.19 10.72 8.16
CA ASP A 520 28.62 9.93 7.01
C ASP A 520 28.81 10.84 5.79
N GLU A 521 30.06 11.27 5.56
CA GLU A 521 30.44 12.15 4.47
C GLU A 521 29.54 13.39 4.40
N ALA A 522 29.41 14.02 5.57
CA ALA A 522 28.61 15.19 5.85
C ALA A 522 29.15 16.51 5.30
N THR A 523 30.44 16.58 4.89
CA THR A 523 31.07 17.80 4.35
C THR A 523 31.51 17.71 2.89
N SER A 524 31.40 16.52 2.26
CA SER A 524 31.76 16.18 0.87
C SER A 524 31.33 17.18 -0.20
N ALA A 525 30.28 17.98 0.06
CA ALA A 525 29.77 18.96 -0.89
C ALA A 525 30.00 20.39 -0.44
N LEU A 526 30.72 20.60 0.67
CA LEU A 526 31.00 21.92 1.23
C LEU A 526 32.35 22.54 0.83
N ASP A 527 32.28 23.85 0.52
CA ASP A 527 33.38 24.75 0.15
C ASP A 527 34.26 24.96 1.38
N ASN A 528 35.50 25.45 1.19
CA ASN A 528 36.48 25.64 2.27
C ASN A 528 35.99 26.52 3.43
N GLU A 529 35.16 27.56 3.15
CA GLU A 529 34.66 28.43 4.22
C GLU A 529 33.49 27.82 5.00
N SER A 530 32.66 26.94 4.35
CA SER A 530 31.52 26.26 5.01
C SER A 530 32.06 25.14 5.88
N GLU A 531 33.00 24.34 5.32
CA GLU A 531 33.72 23.24 5.96
C GLU A 531 34.46 23.76 7.21
N HIS A 532 35.07 24.97 7.14
CA HIS A 532 35.78 25.58 8.28
C HIS A 532 34.81 25.97 9.40
N PHE A 533 33.71 26.69 9.07
CA PHE A 533 32.72 27.09 10.08
C PHE A 533 32.05 25.90 10.75
N ILE A 534 31.54 24.94 9.95
CA ILE A 534 30.85 23.75 10.44
C ILE A 534 31.78 22.91 11.34
N GLN A 535 33.06 22.66 10.93
CA GLN A 535 34.00 21.88 11.76
C GLN A 535 34.36 22.60 13.05
N GLN A 536 34.35 23.95 13.03
CA GLN A 536 34.59 24.81 14.18
C GLN A 536 33.36 24.71 15.10
N ALA A 537 32.13 24.64 14.50
CA ALA A 537 30.83 24.51 15.18
C ALA A 537 30.56 23.06 15.65
N PHE A 538 31.42 22.09 15.25
CA PHE A 538 31.35 20.68 15.63
C PHE A 538 32.34 20.37 16.74
N ASP A 539 33.17 21.36 17.11
CA ASP A 539 34.14 21.29 18.20
C ASP A 539 33.32 21.64 19.45
N GLU A 540 32.33 22.54 19.27
CA GLU A 540 31.39 23.00 20.29
C GLU A 540 30.21 22.01 20.39
N ALA A 541 30.19 20.95 19.54
CA ALA A 541 29.18 19.90 19.51
C ALA A 541 29.74 18.53 20.00
N MET A 542 30.69 18.59 20.96
CA MET A 542 31.34 17.45 21.65
C MET A 542 30.93 17.62 23.14
N GLN A 543 29.66 18.07 23.35
CA GLN A 543 29.00 18.32 24.64
C GLN A 543 28.65 16.97 25.27
N ASP A 544 29.72 16.22 25.67
CA ASP A 544 29.69 14.86 26.22
C ASP A 544 28.93 13.94 25.23
N ARG A 545 29.02 14.33 23.93
CA ARG A 545 28.39 13.69 22.78
C ARG A 545 29.39 12.82 22.04
N THR A 546 29.04 11.55 21.89
CA THR A 546 29.84 10.57 21.18
C THR A 546 29.53 10.80 19.73
N THR A 547 30.55 10.96 18.86
CA THR A 547 30.29 11.15 17.42
C THR A 547 31.17 10.22 16.60
N ILE A 548 30.59 9.67 15.51
CA ILE A 548 31.29 8.80 14.56
C ILE A 548 31.32 9.57 13.26
N VAL A 549 32.54 9.87 12.81
CA VAL A 549 32.78 10.63 11.58
C VAL A 549 33.36 9.76 10.46
N ILE A 550 32.68 9.73 9.31
CA ILE A 550 33.18 9.04 8.13
C ILE A 550 33.58 10.19 7.22
N ALA A 551 34.90 10.43 7.12
CA ALA A 551 35.52 11.47 6.32
C ALA A 551 36.69 10.90 5.52
N HIS A 552 36.97 11.52 4.36
CA HIS A 552 38.05 11.16 3.47
C HIS A 552 39.05 12.32 3.41
N ARG A 553 38.63 13.51 3.90
CA ARG A 553 39.49 14.67 3.99
C ARG A 553 40.25 14.45 5.30
N LEU A 554 41.51 14.03 5.20
CA LEU A 554 42.39 13.72 6.35
C LEU A 554 42.56 14.89 7.35
N SER A 555 42.05 16.08 7.00
CA SER A 555 42.08 17.29 7.84
C SER A 555 41.05 17.17 8.98
N THR A 556 39.78 16.81 8.64
CA THR A 556 38.69 16.66 9.61
C THR A 556 38.93 15.41 10.50
N ILE A 557 39.54 14.35 9.95
CA ILE A 557 39.84 13.10 10.66
C ILE A 557 40.88 13.39 11.75
N GLU A 558 41.92 14.18 11.40
CA GLU A 558 43.07 14.58 12.20
C GLU A 558 42.83 14.80 13.71
N ASN A 559 41.76 15.54 14.08
CA ASN A 559 41.41 15.88 15.48
C ASN A 559 40.60 14.81 16.24
N ALA A 560 40.23 13.69 15.58
CA ALA A 560 39.46 12.60 16.20
C ALA A 560 40.21 11.88 17.32
N ASP A 561 39.49 11.60 18.40
CA ASP A 561 40.01 10.91 19.57
C ASP A 561 40.64 9.58 19.15
N ARG A 562 39.91 8.79 18.35
CA ARG A 562 40.40 7.51 17.85
C ARG A 562 40.20 7.45 16.34
N ILE A 563 41.18 6.87 15.61
CA ILE A 563 41.08 6.69 14.15
C ILE A 563 41.08 5.19 13.87
N VAL A 564 40.03 4.74 13.16
CA VAL A 564 39.85 3.33 12.82
C VAL A 564 40.03 3.13 11.30
N VAL A 565 41.13 2.48 10.91
CA VAL A 565 41.42 2.20 9.51
C VAL A 565 40.74 0.86 9.20
N MET A 566 39.80 0.91 8.27
CA MET A 566 38.98 -0.23 7.87
C MET A 566 39.30 -0.72 6.47
N ASP A 567 39.21 -2.03 6.27
CA ASP A 567 39.45 -2.66 5.00
C ASP A 567 38.65 -3.93 4.92
N ARG A 568 37.69 -3.95 3.99
CA ARG A 568 36.81 -5.08 3.73
C ARG A 568 36.28 -5.67 5.08
N GLY A 569 35.51 -4.82 5.78
CA GLY A 569 34.85 -5.08 7.06
C GLY A 569 35.69 -5.50 8.26
N GLN A 570 36.97 -5.12 8.24
CA GLN A 570 37.90 -5.45 9.29
C GLN A 570 38.72 -4.25 9.59
N ILE A 571 39.23 -4.21 10.81
CA ILE A 571 40.09 -3.12 11.25
C ILE A 571 41.52 -3.50 10.79
N VAL A 572 42.27 -2.50 10.36
CA VAL A 572 43.66 -2.60 9.89
C VAL A 572 44.53 -2.03 10.98
N GLU A 573 44.22 -0.78 11.39
CA GLU A 573 44.90 0.02 12.40
C GLU A 573 43.91 0.82 13.25
N GLN A 574 44.35 1.24 14.43
CA GLN A 574 43.58 2.01 15.42
C GLN A 574 44.51 2.96 16.16
N GLY A 575 44.00 4.11 16.54
CA GLY A 575 44.78 5.07 17.31
C GLY A 575 44.63 6.52 16.92
N THR A 576 45.29 7.40 17.69
CA THR A 576 45.30 8.85 17.49
C THR A 576 46.09 9.23 16.21
N HIS A 577 45.95 10.50 15.76
CA HIS A 577 46.62 11.04 14.56
C HIS A 577 48.14 10.85 14.62
N GLN A 578 48.73 11.01 15.83
CA GLN A 578 50.17 10.84 16.06
C GLN A 578 50.57 9.37 16.03
N GLU A 579 49.91 8.52 16.86
CA GLU A 579 50.12 7.07 17.00
C GLU A 579 50.18 6.35 15.66
N LEU A 580 49.16 6.56 14.80
CA LEU A 580 49.02 5.93 13.48
C LEU A 580 50.05 6.41 12.46
N LEU A 581 50.44 7.71 12.51
CA LEU A 581 51.44 8.29 11.61
C LEU A 581 52.84 7.77 11.97
N ALA A 582 53.05 7.49 13.26
CA ALA A 582 54.28 6.94 13.80
C ALA A 582 54.39 5.43 13.48
N LYS A 583 53.24 4.75 13.26
CA LYS A 583 53.18 3.31 12.95
C LYS A 583 53.71 2.93 11.56
N HIS A 584 53.89 3.93 10.65
CA HIS A 584 54.41 3.77 9.28
C HIS A 584 53.57 2.81 8.38
N GLY A 585 52.30 2.56 8.76
CA GLY A 585 51.38 1.68 8.06
C GLY A 585 50.43 2.34 7.09
N ALA A 586 49.21 1.77 6.96
CA ALA A 586 48.11 2.20 6.09
C ALA A 586 47.75 3.69 6.21
N TYR A 587 47.64 4.20 7.46
CA TYR A 587 47.30 5.60 7.73
C TYR A 587 48.45 6.49 7.27
N TYR A 588 49.71 6.09 7.59
CA TYR A 588 50.94 6.80 7.18
C TYR A 588 51.03 6.85 5.65
N GLN A 589 50.64 5.74 4.98
CA GLN A 589 50.62 5.60 3.52
C GLN A 589 49.47 6.41 2.90
N LEU A 590 48.37 6.64 3.66
CA LEU A 590 47.21 7.42 3.22
C LEU A 590 47.55 8.92 3.18
N HIS A 591 48.66 9.30 3.85
CA HIS A 591 49.21 10.64 3.93
C HIS A 591 50.22 10.80 2.75
N GLN A 592 49.80 10.37 1.53
CA GLN A 592 50.62 10.41 0.31
C GLN A 592 50.65 11.81 -0.29
PG ANP B . 32.20 4.48 0.53
O1G ANP B . 31.89 4.46 -0.89
O2G ANP B . 33.58 5.22 0.72
O3G ANP B . 31.01 5.24 1.26
PB ANP B . 31.80 2.30 2.51
O1B ANP B . 32.94 2.06 3.38
O2B ANP B . 30.80 3.31 3.15
N3B ANP B . 32.30 2.96 1.09
PA ANP B . 29.60 0.37 2.32
O1A ANP B . 28.56 1.30 1.83
O2A ANP B . 29.32 0.14 3.78
O3A ANP B . 31.06 0.97 2.20
O5' ANP B . 29.60 -1.08 1.65
C5' ANP B . 30.69 -2.04 1.72
C4' ANP B . 30.39 -3.09 0.69
O4' ANP B . 29.05 -3.60 0.91
C3' ANP B . 30.43 -2.63 -0.78
O3' ANP B . 31.12 -3.54 -1.64
C2' ANP B . 28.95 -2.43 -1.12
O2' ANP B . 28.59 -2.54 -2.49
C1' ANP B . 28.28 -3.50 -0.28
N9 ANP B . 26.90 -3.19 0.07
C8 ANP B . 26.45 -2.04 0.68
N7 ANP B . 25.15 -1.99 0.82
C5 ANP B . 24.71 -3.18 0.28
C6 ANP B . 23.43 -3.74 0.15
N6 ANP B . 22.30 -3.14 0.59
N1 ANP B . 23.32 -4.97 -0.41
C2 ANP B . 24.44 -5.57 -0.82
N3 ANP B . 25.70 -5.15 -0.76
C4 ANP B . 25.77 -3.93 -0.18
C9 MVC C . 18.21 8.88 -2.07
C8 MVC C . 17.19 8.13 -2.44
C10 MVC C . 19.02 9.78 -2.97
C7 MVC C . 16.38 7.23 -1.55
C24 MVC C . 19.04 3.42 1.99
C11 MVC C . 19.08 11.25 -2.55
C6 MVC C . 15.54 6.21 -2.33
C5 MVC C . 15.00 5.04 -1.52
C4 MVC C . 15.91 3.82 -1.53
C3 MVC C . 15.94 3.00 -0.25
C21 MVC C . 21.33 3.22 3.03
C22 MVC C . 19.88 3.61 3.25
O19 MVC C . 16.17 1.78 2.47
O25 MVC C . 17.72 3.92 2.15
O23 MVC C . 19.29 2.86 4.32
O20 MVC C . 22.18 4.13 3.77
MG MG D . 29.68 5.32 2.68
C23 A1AZS E . -44.61 -2.31 -14.47
C17 A1AZS E . -42.88 -5.40 -16.99
C20 A1AZS E . -42.52 -2.34 -13.26
C12 A1AZS E . -40.51 -10.84 -19.63
C14 A1AZS E . -41.36 -8.73 -17.83
C11 A1AZS E . -40.10 -11.79 -20.55
C18 A1AZS E . -42.77 -3.69 -15.22
C19 A1AZS E . -42.01 -3.25 -14.15
C21 A1AZS E . -41.59 -1.85 -12.23
C10 A1AZS E . -38.83 -11.71 -21.15
C22 A1AZS E . -44.08 -3.22 -15.39
C24 A1AZS E . -43.83 -1.85 -13.37
O9 A1AZS E . -40.47 -14.02 -22.26
S A1AZS E . -39.07 -14.10 -22.49
O A1AZS E . -38.56 -14.43 -23.78
C A1AZS E . -38.34 -15.01 -21.34
C9 A1AZS E . -38.92 -15.13 -20.08
C8 A1AZS E . -38.26 -15.77 -19.05
C3 A1AZS E . -36.99 -16.31 -19.23
C4 A1AZS E . -36.31 -16.93 -18.06
C5 A1AZS E . -35.27 -17.99 -18.42
C6 A1AZS E . -34.94 -18.80 -17.17
C7 A1AZS E . -35.99 -19.88 -16.93
C2 A1AZS E . -36.39 -16.25 -20.51
C1 A1AZS E . -37.08 -15.60 -21.53
N A1AZS E . -38.34 -12.67 -22.06
C36 A1AZS E . -37.99 -10.65 -20.76
C37 A1AZS E . -36.61 -10.53 -21.26
O8 A1AZS E . -35.85 -9.60 -21.06
O7 A1AZS E . -36.10 -11.56 -21.99
C35 A1AZS E . -38.39 -9.68 -19.85
C13 A1AZS E . -39.66 -9.77 -19.28
N1 A1AZS E . -40.13 -8.77 -18.43
O6 A1AZS E . -42.18 -9.62 -17.98
C15 A1AZS E . -41.63 -7.52 -16.97
C16 A1AZS E . -42.04 -6.33 -17.84
O5 A1AZS E . -44.09 -5.33 -17.09
N2 A1AZS E . -42.17 -4.62 -16.11
O2 A1AZS E . -40.43 -2.18 -12.12
O1 A1AZS E . -42.06 -0.94 -11.33
N3 A1AZS E . -44.26 -0.82 -12.50
S1 A1AZS E . -45.57 0.20 -12.61
O3 A1AZS E . -46.59 -0.44 -13.38
O4 A1AZS E . -45.82 0.66 -11.30
C25 A1AZS E . -44.77 1.30 -13.50
C34 A1AZS E . -44.11 2.38 -12.88
C33 A1AZS E . -43.31 3.26 -13.58
C28 A1AZS E . -43.16 3.08 -14.96
C27 A1AZS E . -43.82 2.04 -15.60
C26 A1AZS E . -44.62 1.18 -14.89
C29 A1AZS E . -42.28 4.01 -15.74
C30 A1AZS E . -42.87 5.41 -15.65
C31 A1AZS E . -42.45 6.25 -16.85
C32 A1AZS E . -42.90 5.55 -18.13
#